data_7O23
#
_entry.id   7O23
#
_cell.length_a   57.390
_cell.length_b   57.390
_cell.length_c   516.530
_cell.angle_alpha   90.000
_cell.angle_beta   90.000
_cell.angle_gamma   120.000
#
_symmetry.space_group_name_H-M   'H 3 2'
#
loop_
_entity.id
_entity.type
_entity.pdbx_description
1 polymer 'Autotransporter adhesin BpaC,Autotransporter adhesin BpaC,General control transcription factor GCN4'
2 non-polymer GLYCEROL
3 non-polymer 'SODIUM ION'
4 water water
#
_entity_poly.entity_id   1
_entity_poly.type   'polypeptide(L)'
_entity_poly.pdbx_seq_one_letter_code
;MSGSNSTANGANSTASGDNSTASGTNASATGENSTATGTDSTASGSNSTANGTNSTASGNNSTASGTNASATGENSTATG
TDSAASGTNSTANGTNSTASGDNSTASGTNASATGENSTATGTASTASGSNSTANGANSTASGAGATATGENAAATGAGA
TATGNNASASGTSSTAGGANAIASGENSTTNGANSTASGNGSSAFGESAAAAGDGSTALGANAVASGVGSVATGAGSVAS
GANSSAYGTGSNATGAGSVAIGQGATASGSNSVALGTGSVASEDNTVSVGSAGSERRITNVAAGVNATDAVNVGQMKQIE
DKIEEILSKIY(UNK)(UNK)(UNK)(UNK)(UNK)(UNK)(UNK)(UNK)(UNK)(UNK)(UNK)(UNK)(UNK)
(UNK)(UNK)(UNK)(UNK)(UNK)(UNK)(UNK)
;
_entity_poly.pdbx_strand_id   A
#
loop_
_chem_comp.id
_chem_comp.type
_chem_comp.name
_chem_comp.formula
GOL non-polymer GLYCEROL 'C3 H8 O3'
NA non-polymer 'SODIUM ION' 'Na 1'
#
# COMPACT_ATOMS: atom_id res chain seq x y z
N SER A 2 -3.22 10.10 -55.22
CA SER A 2 -4.21 9.83 -56.26
C SER A 2 -5.63 9.71 -55.71
N GLY A 3 -5.79 9.89 -54.40
CA GLY A 3 -7.11 9.87 -53.82
C GLY A 3 -7.86 11.18 -54.01
N SER A 4 -9.16 11.14 -53.75
CA SER A 4 -9.98 12.34 -53.84
C SER A 4 -9.56 13.36 -52.79
N ASN A 5 -9.63 14.64 -53.16
CA ASN A 5 -9.22 15.74 -52.29
C ASN A 5 -7.91 15.41 -51.56
N SER A 6 -6.90 15.10 -52.35
CA SER A 6 -5.64 14.60 -51.84
C SER A 6 -4.47 15.24 -52.58
N THR A 7 -3.41 15.54 -51.84
CA THR A 7 -2.19 16.12 -52.36
C THR A 7 -1.02 15.23 -51.95
N ALA A 8 -0.04 15.11 -52.84
CA ALA A 8 1.17 14.32 -52.58
C ALA A 8 2.36 15.14 -53.08
N ASN A 9 2.98 15.88 -52.17
CA ASN A 9 4.17 16.68 -52.47
C ASN A 9 5.41 15.94 -52.00
N GLY A 10 6.45 15.96 -52.81
CA GLY A 10 7.67 15.23 -52.52
C GLY A 10 7.79 13.98 -53.37
N ALA A 11 9.04 13.55 -53.58
CA ALA A 11 9.30 12.50 -54.55
C ALA A 11 8.81 11.15 -54.05
N ASN A 12 8.09 10.44 -54.92
CA ASN A 12 7.57 9.11 -54.66
C ASN A 12 6.60 9.07 -53.49
N SER A 13 6.01 10.21 -53.14
CA SER A 13 4.96 10.24 -52.14
C SER A 13 3.65 9.76 -52.75
N THR A 14 2.78 9.24 -51.89
CA THR A 14 1.54 8.61 -52.33
C THR A 14 0.41 9.10 -51.45
N ALA A 15 -0.67 9.58 -52.08
CA ALA A 15 -1.88 9.99 -51.37
C ALA A 15 -3.06 9.30 -52.07
N SER A 16 -3.16 7.98 -51.85
CA SER A 16 -4.21 7.19 -52.46
CA SER A 16 -4.22 7.19 -52.47
C SER A 16 -5.52 7.22 -51.68
N GLY A 17 -5.46 7.31 -50.35
CA GLY A 17 -6.67 7.42 -49.58
C GLY A 17 -7.47 8.65 -49.96
N ASP A 18 -8.77 8.58 -49.71
CA ASP A 18 -9.61 9.77 -49.88
C ASP A 18 -9.27 10.78 -48.78
N ASN A 19 -9.32 12.06 -49.12
CA ASN A 19 -9.03 13.12 -48.16
C ASN A 19 -7.66 12.93 -47.50
N SER A 20 -6.69 12.48 -48.28
CA SER A 20 -5.37 12.16 -47.76
C SER A 20 -4.32 13.11 -48.29
N THR A 21 -3.27 13.32 -47.49
CA THR A 21 -2.27 14.35 -47.72
C THR A 21 -0.92 13.76 -47.34
N ALA A 22 -0.15 13.36 -48.34
CA ALA A 22 1.21 12.87 -48.14
C ALA A 22 2.20 13.95 -48.51
N SER A 23 3.28 14.06 -47.73
CA SER A 23 4.29 15.06 -48.01
C SER A 23 5.64 14.58 -47.48
N GLY A 24 6.62 14.53 -48.37
CA GLY A 24 7.96 14.09 -48.02
C GLY A 24 8.40 12.92 -48.86
N THR A 25 9.71 12.75 -49.04
CA THR A 25 10.24 11.66 -49.84
C THR A 25 9.69 10.33 -49.34
N ASN A 26 8.93 9.64 -50.19
CA ASN A 26 8.35 8.34 -49.89
C ASN A 26 7.28 8.40 -48.80
N ALA A 27 6.70 9.56 -48.56
CA ALA A 27 5.62 9.67 -47.59
C ALA A 27 4.37 8.99 -48.14
N SER A 28 3.83 8.04 -47.38
CA SER A 28 2.71 7.20 -47.84
CA SER A 28 2.71 7.21 -47.84
C SER A 28 1.48 7.52 -46.99
N ALA A 29 0.51 8.20 -47.58
CA ALA A 29 -0.78 8.48 -46.96
C ALA A 29 -1.82 7.68 -47.75
N THR A 30 -1.91 6.38 -47.43
CA THR A 30 -2.78 5.45 -48.14
C THR A 30 -4.11 5.21 -47.45
N GLY A 31 -4.21 5.44 -46.14
CA GLY A 31 -5.48 5.28 -45.47
C GLY A 31 -6.46 6.38 -45.81
N GLU A 32 -7.74 6.10 -45.57
CA GLU A 32 -8.76 7.13 -45.70
C GLU A 32 -8.55 8.19 -44.64
N ASN A 33 -8.75 9.45 -45.01
CA ASN A 33 -8.51 10.55 -44.08
C ASN A 33 -7.15 10.41 -43.41
N SER A 34 -6.13 10.17 -44.21
CA SER A 34 -4.77 9.98 -43.70
C SER A 34 -3.91 11.18 -44.04
N THR A 35 -2.91 11.43 -43.22
CA THR A 35 -1.99 12.54 -43.39
C THR A 35 -0.62 12.03 -42.98
N ALA A 36 0.31 11.99 -43.92
CA ALA A 36 1.66 11.49 -43.67
C ALA A 36 2.64 12.61 -44.00
N THR A 37 3.45 12.98 -43.02
CA THR A 37 4.46 14.02 -43.16
C THR A 37 5.80 13.46 -42.74
N GLY A 38 6.82 13.66 -43.55
CA GLY A 38 8.17 13.23 -43.25
C GLY A 38 8.64 12.13 -44.19
N THR A 39 9.96 12.04 -44.33
CA THR A 39 10.55 11.01 -45.17
C THR A 39 10.17 9.63 -44.61
N ASP A 40 9.67 8.75 -45.48
CA ASP A 40 9.31 7.39 -45.13
C ASP A 40 8.20 7.33 -44.08
N SER A 41 7.50 8.44 -43.88
CA SER A 41 6.34 8.42 -43.00
C SER A 41 5.23 7.59 -43.63
N THR A 42 4.39 7.00 -42.78
CA THR A 42 3.35 6.08 -43.23
C THR A 42 2.09 6.32 -42.42
N ALA A 43 1.01 6.66 -43.11
CA ALA A 43 -0.33 6.80 -42.55
C ALA A 43 -1.22 5.87 -43.38
N SER A 44 -1.22 4.58 -43.02
CA SER A 44 -1.94 3.56 -43.77
C SER A 44 -3.28 3.18 -43.15
N GLY A 45 -3.47 3.44 -41.86
CA GLY A 45 -4.74 3.14 -41.24
C GLY A 45 -5.83 4.10 -41.65
N SER A 46 -7.06 3.69 -41.39
CA SER A 46 -8.18 4.61 -41.53
C SER A 46 -8.08 5.71 -40.49
N ASN A 47 -8.33 6.95 -40.89
CA ASN A 47 -8.23 8.07 -39.96
C ASN A 47 -6.89 8.03 -39.22
N SER A 48 -5.81 8.05 -39.99
CA SER A 48 -4.47 7.93 -39.45
C SER A 48 -3.65 9.16 -39.80
N THR A 49 -2.72 9.51 -38.91
CA THR A 49 -1.92 10.72 -39.05
C THR A 49 -0.51 10.39 -38.56
N ALA A 50 0.48 10.56 -39.42
CA ALA A 50 1.86 10.26 -39.08
C ALA A 50 2.70 11.50 -39.33
N ASN A 51 3.48 11.92 -38.34
CA ASN A 51 4.40 13.04 -38.50
C ASN A 51 5.77 12.65 -37.99
N GLY A 52 6.77 12.72 -38.86
CA GLY A 52 8.15 12.48 -38.48
C GLY A 52 8.78 11.44 -39.39
N THR A 53 10.10 11.52 -39.54
CA THR A 53 10.80 10.55 -40.36
C THR A 53 10.52 9.15 -39.85
N ASN A 54 10.18 8.23 -40.76
CA ASN A 54 9.95 6.82 -40.47
C ASN A 54 8.84 6.61 -39.44
N SER A 55 8.02 7.63 -39.21
CA SER A 55 6.84 7.48 -38.36
C SER A 55 5.82 6.58 -39.04
N THR A 56 5.06 5.85 -38.22
CA THR A 56 4.08 4.89 -38.72
C THR A 56 2.79 5.02 -37.94
N ALA A 57 1.69 5.24 -38.65
CA ALA A 57 0.33 5.22 -38.11
C ALA A 57 -0.45 4.21 -38.95
N SER A 58 -0.31 2.94 -38.60
CA SER A 58 -0.93 1.87 -39.37
C SER A 58 -2.20 1.31 -38.73
N GLY A 59 -2.41 1.56 -37.44
CA GLY A 59 -3.68 1.22 -36.85
C GLY A 59 -4.80 2.07 -37.39
N ASN A 60 -6.02 1.53 -37.32
CA ASN A 60 -7.19 2.35 -37.55
C ASN A 60 -7.33 3.34 -36.39
N ASN A 61 -7.63 4.60 -36.72
CA ASN A 61 -7.70 5.68 -35.74
C ASN A 61 -6.39 5.81 -34.98
N SER A 62 -5.28 5.85 -35.71
CA SER A 62 -3.96 5.94 -35.11
C SER A 62 -3.30 7.27 -35.45
N THR A 63 -2.44 7.73 -34.54
CA THR A 63 -1.72 8.98 -34.67
C THR A 63 -0.33 8.75 -34.12
N ALA A 64 0.69 8.96 -34.93
CA ALA A 64 2.08 8.78 -34.51
C ALA A 64 2.84 10.05 -34.80
N SER A 65 3.54 10.57 -33.81
CA SER A 65 4.29 11.80 -33.96
C SER A 65 5.68 11.62 -33.40
N GLY A 66 6.69 11.95 -34.21
CA GLY A 66 8.08 11.81 -33.81
C GLY A 66 8.82 10.80 -34.65
N THR A 67 10.15 10.92 -34.68
CA THR A 67 10.93 10.00 -35.50
C THR A 67 10.75 8.58 -35.00
N ASN A 68 10.45 7.66 -35.92
CA ASN A 68 10.24 6.25 -35.64
C ASN A 68 9.03 5.98 -34.76
N ALA A 69 8.24 7.02 -34.44
CA ALA A 69 7.06 6.81 -33.62
C ALA A 69 6.10 5.85 -34.32
N SER A 70 5.48 4.96 -33.55
CA SER A 70 4.73 3.86 -34.12
C SER A 70 3.41 3.68 -33.37
N ALA A 71 2.31 3.80 -34.10
CA ALA A 71 0.95 3.60 -33.60
C ALA A 71 0.34 2.50 -34.46
N THR A 72 0.53 1.25 -34.04
CA THR A 72 0.08 0.10 -34.82
C THR A 72 -1.18 -0.53 -34.27
N GLY A 73 -1.56 -0.22 -33.05
CA GLY A 73 -2.78 -0.76 -32.52
C GLY A 73 -4.01 -0.03 -33.05
N GLU A 74 -5.15 -0.72 -32.97
CA GLU A 74 -6.43 -0.06 -33.21
C GLU A 74 -6.61 1.00 -32.13
N ASN A 75 -7.00 2.21 -32.54
CA ASN A 75 -7.23 3.32 -31.62
C ASN A 75 -5.97 3.64 -30.80
N SER A 76 -4.82 3.74 -31.48
CA SER A 76 -3.55 3.94 -30.81
C SER A 76 -2.98 5.32 -31.13
N THR A 77 -2.25 5.87 -30.16
CA THR A 77 -1.69 7.21 -30.24
C THR A 77 -0.30 7.19 -29.64
N ALA A 78 0.70 7.63 -30.39
CA ALA A 78 2.08 7.58 -29.94
C ALA A 78 2.72 8.93 -30.23
N THR A 79 3.24 9.56 -29.19
CA THR A 79 3.97 10.83 -29.33
C THR A 79 5.38 10.65 -28.79
N GLY A 80 6.36 11.07 -29.57
CA GLY A 80 7.74 11.05 -29.13
C GLY A 80 8.64 10.15 -29.94
N THR A 81 9.94 10.46 -30.01
CA THR A 81 10.86 9.59 -30.75
C THR A 81 10.82 8.18 -30.17
N ASP A 82 10.65 7.19 -31.04
CA ASP A 82 10.69 5.77 -30.69
C ASP A 82 9.54 5.35 -29.77
N SER A 83 8.50 6.17 -29.66
CA SER A 83 7.33 5.74 -28.91
C SER A 83 6.60 4.64 -29.67
N ALA A 84 5.86 3.81 -28.94
CA ALA A 84 5.16 2.69 -29.54
C ALA A 84 3.85 2.48 -28.82
N ALA A 85 2.75 2.61 -29.55
CA ALA A 85 1.40 2.32 -29.05
C ALA A 85 0.90 1.15 -29.89
N SER A 86 1.09 -0.07 -29.40
CA SER A 86 0.84 -1.27 -30.17
C SER A 86 -0.38 -2.07 -29.71
N GLY A 87 -0.85 -1.85 -28.49
CA GLY A 87 -2.06 -2.51 -28.05
C GLY A 87 -3.30 -1.87 -28.63
N THR A 88 -4.42 -2.58 -28.52
CA THR A 88 -5.71 -1.98 -28.77
C THR A 88 -5.98 -0.91 -27.71
N ASN A 89 -6.45 0.25 -28.14
CA ASN A 89 -6.75 1.37 -27.23
C ASN A 89 -5.53 1.77 -26.39
N SER A 90 -4.40 1.96 -27.07
CA SER A 90 -3.13 2.23 -26.39
C SER A 90 -2.65 3.64 -26.69
N THR A 91 -2.03 4.27 -25.69
CA THR A 91 -1.59 5.65 -25.79
C THR A 91 -0.23 5.79 -25.13
N ALA A 92 0.72 6.37 -25.86
CA ALA A 92 2.09 6.53 -25.38
C ALA A 92 2.52 7.95 -25.65
N ASN A 93 3.08 8.61 -24.64
N ASN A 93 3.15 8.57 -24.66
CA ASN A 93 3.63 9.95 -24.80
CA ASN A 93 3.62 9.95 -24.75
C ASN A 93 4.99 9.99 -24.11
C ASN A 93 4.99 10.03 -24.10
N GLY A 94 6.01 10.28 -24.90
CA GLY A 94 7.37 10.41 -24.38
C GLY A 94 8.33 9.53 -25.16
N THR A 95 9.60 9.94 -25.19
CA THR A 95 10.60 9.22 -25.97
C THR A 95 10.74 7.80 -25.45
N ASN A 96 10.64 6.84 -26.36
CA ASN A 96 10.77 5.43 -26.06
C ASN A 96 9.71 4.93 -25.09
N SER A 97 8.58 5.64 -24.98
CA SER A 97 7.47 5.11 -24.18
C SER A 97 6.84 3.96 -24.94
N THR A 98 6.26 3.02 -24.20
CA THR A 98 5.64 1.84 -24.78
C THR A 98 4.31 1.60 -24.12
N ALA A 99 3.25 1.51 -24.92
CA ALA A 99 1.92 1.13 -24.45
C ALA A 99 1.57 -0.08 -25.31
N SER A 100 1.97 -1.27 -24.83
CA SER A 100 1.83 -2.50 -25.59
C SER A 100 0.70 -3.38 -25.11
N GLY A 101 0.22 -3.17 -23.89
CA GLY A 101 -0.98 -3.85 -23.46
C GLY A 101 -2.21 -3.30 -24.15
N ASP A 102 -3.25 -4.12 -24.18
CA ASP A 102 -4.55 -3.61 -24.56
C ASP A 102 -5.06 -2.68 -23.45
N ASN A 103 -5.64 -1.56 -23.85
CA ASN A 103 -6.14 -0.55 -22.91
C ASN A 103 -5.01 -0.03 -22.03
N SER A 104 -3.85 0.25 -22.62
CA SER A 104 -2.69 0.68 -21.88
C SER A 104 -2.32 2.12 -22.22
N THR A 105 -1.76 2.81 -21.23
CA THR A 105 -1.47 4.24 -21.31
C THR A 105 -0.15 4.47 -20.61
N ALA A 106 0.83 5.02 -21.33
CA ALA A 106 2.17 5.22 -20.82
C ALA A 106 2.66 6.61 -21.14
N SER A 107 3.08 7.36 -20.12
CA SER A 107 3.44 8.76 -20.25
C SER A 107 4.75 8.99 -19.52
N GLY A 108 5.76 9.45 -20.26
CA GLY A 108 7.07 9.72 -19.72
C GLY A 108 8.12 8.99 -20.53
N THR A 109 9.33 9.53 -20.55
CA THR A 109 10.41 8.89 -21.27
C THR A 109 10.63 7.49 -20.68
N ASN A 110 10.67 6.49 -21.54
CA ASN A 110 10.90 5.11 -21.16
C ASN A 110 9.80 4.53 -20.26
N ALA A 111 8.65 5.20 -20.15
CA ALA A 111 7.51 4.62 -19.45
C ALA A 111 7.00 3.40 -20.21
N SER A 112 6.51 2.41 -19.47
CA SER A 112 6.17 1.11 -20.04
C SER A 112 4.86 0.63 -19.44
N ALA A 113 3.80 0.56 -20.25
CA ALA A 113 2.51 0.00 -19.82
C ALA A 113 2.29 -1.25 -20.69
N THR A 114 2.67 -2.40 -20.15
CA THR A 114 2.66 -3.66 -20.90
C THR A 114 1.56 -4.61 -20.47
N GLY A 115 0.93 -4.38 -19.33
CA GLY A 115 -0.17 -5.22 -18.91
C GLY A 115 -1.49 -4.82 -19.56
N GLU A 116 -2.43 -5.76 -19.54
CA GLU A 116 -3.80 -5.42 -19.91
C GLU A 116 -4.33 -4.38 -18.92
N ASN A 117 -4.98 -3.35 -19.43
CA ASN A 117 -5.58 -2.31 -18.58
C ASN A 117 -4.55 -1.63 -17.68
N SER A 118 -3.34 -1.44 -18.19
CA SER A 118 -2.26 -0.87 -17.39
C SER A 118 -2.03 0.60 -17.71
N THR A 119 -1.54 1.33 -16.71
CA THR A 119 -1.35 2.77 -16.82
C THR A 119 -0.06 3.12 -16.08
N ALA A 120 0.89 3.72 -16.79
CA ALA A 120 2.17 4.11 -16.24
C ALA A 120 2.43 5.58 -16.54
N THR A 121 2.66 6.37 -15.51
CA THR A 121 2.93 7.80 -15.64
C THR A 121 4.23 8.10 -14.92
N GLY A 122 5.19 8.66 -15.65
CA GLY A 122 6.48 8.99 -15.06
C GLY A 122 7.64 8.38 -15.81
N THR A 123 8.77 9.07 -15.81
CA THR A 123 9.96 8.54 -16.48
C THR A 123 10.31 7.19 -15.89
N ALA A 124 10.50 6.21 -16.76
CA ALA A 124 10.92 4.86 -16.37
C ALA A 124 9.95 4.20 -15.40
N SER A 125 8.68 4.61 -15.42
CA SER A 125 7.64 3.89 -14.70
C SER A 125 7.27 2.62 -15.45
N THR A 126 6.80 1.62 -14.70
CA THR A 126 6.48 0.32 -15.26
C THR A 126 5.16 -0.16 -14.68
N ALA A 127 4.18 -0.40 -15.54
CA ALA A 127 2.90 -1.03 -15.16
C ALA A 127 2.83 -2.31 -16.00
N SER A 128 3.38 -3.39 -15.46
CA SER A 128 3.48 -4.64 -16.18
C SER A 128 2.48 -5.69 -15.74
N GLY A 129 1.86 -5.53 -14.58
CA GLY A 129 0.83 -6.46 -14.19
C GLY A 129 -0.48 -6.21 -14.93
N SER A 130 -1.30 -7.24 -14.97
CA SER A 130 -2.69 -7.06 -15.38
CA SER A 130 -2.69 -7.07 -15.37
C SER A 130 -3.37 -6.09 -14.42
N ASN A 131 -4.12 -5.15 -14.98
CA ASN A 131 -4.86 -4.18 -14.18
C ASN A 131 -3.96 -3.42 -13.22
N SER A 132 -2.78 -3.02 -13.71
CA SER A 132 -1.79 -2.35 -12.88
C SER A 132 -1.71 -0.86 -13.19
N THR A 133 -1.34 -0.09 -12.17
CA THR A 133 -1.28 1.36 -12.26
C THR A 133 -0.04 1.84 -11.52
N ALA A 134 0.82 2.56 -12.23
CA ALA A 134 2.03 3.14 -11.68
C ALA A 134 2.05 4.63 -12.00
N ASN A 135 2.31 5.45 -10.99
CA ASN A 135 2.35 6.90 -11.16
C ASN A 135 3.50 7.42 -10.32
N GLY A 136 4.56 7.84 -11.00
CA GLY A 136 5.79 8.26 -10.35
C GLY A 136 6.98 7.81 -11.16
N ALA A 137 8.01 8.66 -11.28
CA ALA A 137 9.23 8.22 -11.95
C ALA A 137 9.77 7.00 -11.23
N ASN A 138 10.22 6.01 -11.99
CA ASN A 138 10.85 4.81 -11.47
C ASN A 138 9.91 3.92 -10.66
N SER A 139 8.61 4.17 -10.71
CA SER A 139 7.66 3.34 -9.99
C SER A 139 7.39 2.05 -10.75
N THR A 140 6.93 1.04 -10.01
CA THR A 140 6.69 -0.28 -10.57
C THR A 140 5.44 -0.88 -9.97
N ALA A 141 4.47 -1.22 -10.82
CA ALA A 141 3.28 -1.98 -10.45
C ALA A 141 3.35 -3.26 -11.30
N SER A 142 3.98 -4.30 -10.75
CA SER A 142 4.19 -5.53 -11.48
C SER A 142 3.27 -6.67 -11.04
N GLY A 143 2.63 -6.57 -9.88
CA GLY A 143 1.69 -7.57 -9.48
C GLY A 143 0.37 -7.46 -10.23
N ALA A 144 -0.40 -8.54 -10.21
CA ALA A 144 -1.74 -8.53 -10.77
C ALA A 144 -2.62 -7.63 -9.90
N GLY A 145 -3.22 -6.61 -10.52
CA GLY A 145 -3.99 -5.63 -9.79
C GLY A 145 -3.18 -4.68 -8.93
N ALA A 146 -1.89 -4.55 -9.18
CA ALA A 146 -1.03 -3.74 -8.35
C ALA A 146 -1.15 -2.26 -8.70
N THR A 147 -1.02 -1.42 -7.66
CA THR A 147 -1.11 0.03 -7.80
C THR A 147 0.02 0.65 -7.02
N ALA A 148 0.83 1.48 -7.68
CA ALA A 148 1.99 2.11 -7.07
C ALA A 148 2.00 3.59 -7.42
N THR A 149 2.07 4.43 -6.39
CA THR A 149 2.06 5.88 -6.55
C THR A 149 3.20 6.47 -5.74
N GLY A 150 4.01 7.28 -6.40
CA GLY A 150 5.17 7.87 -5.77
C GLY A 150 6.45 7.49 -6.50
N GLU A 151 7.46 8.36 -6.43
CA GLU A 151 8.71 8.05 -7.09
C GLU A 151 9.32 6.82 -6.44
N ASN A 152 9.70 5.84 -7.27
CA ASN A 152 10.30 4.58 -6.81
C ASN A 152 9.36 3.77 -5.93
N ALA A 153 8.06 4.05 -5.96
CA ALA A 153 7.10 3.17 -5.31
C ALA A 153 7.02 1.84 -6.05
N ALA A 154 6.82 0.76 -5.29
CA ALA A 154 6.80 -0.57 -5.87
C ALA A 154 5.66 -1.39 -5.27
N ALA A 155 4.75 -1.86 -6.12
CA ALA A 155 3.69 -2.77 -5.74
C ALA A 155 3.92 -4.03 -6.57
N THR A 156 4.49 -5.05 -5.93
CA THR A 156 4.92 -6.27 -6.61
C THR A 156 4.10 -7.49 -6.25
N GLY A 157 3.35 -7.45 -5.14
CA GLY A 157 2.46 -8.53 -4.80
C GLY A 157 1.18 -8.50 -5.61
N ALA A 158 0.53 -9.66 -5.70
CA ALA A 158 -0.81 -9.72 -6.28
C ALA A 158 -1.76 -8.93 -5.39
N GLY A 159 -2.46 -7.96 -5.97
CA GLY A 159 -3.36 -7.15 -5.19
C GLY A 159 -2.67 -6.19 -4.25
N ALA A 160 -1.43 -5.81 -4.55
CA ALA A 160 -0.67 -4.93 -3.68
C ALA A 160 -0.88 -3.47 -4.09
N THR A 161 -0.81 -2.59 -3.10
CA THR A 161 -1.06 -1.16 -3.29
C THR A 161 -0.01 -0.44 -2.47
N ALA A 162 0.75 0.46 -3.10
CA ALA A 162 1.79 1.22 -2.42
C ALA A 162 1.69 2.69 -2.79
N THR A 163 1.69 3.57 -1.79
CA THR A 163 1.58 5.01 -1.97
C THR A 163 2.65 5.69 -1.14
N GLY A 164 3.56 6.39 -1.79
CA GLY A 164 4.61 7.13 -1.12
C GLY A 164 5.95 6.88 -1.80
N ASN A 165 6.84 7.88 -1.73
CA ASN A 165 8.20 7.74 -2.22
C ASN A 165 8.85 6.51 -1.59
N ASN A 166 9.33 5.60 -2.45
CA ASN A 166 10.02 4.39 -2.02
C ASN A 166 9.11 3.41 -1.28
N ALA A 167 7.80 3.62 -1.27
CA ALA A 167 6.93 2.67 -0.58
C ALA A 167 6.98 1.32 -1.29
N SER A 168 6.76 0.25 -0.54
CA SER A 168 6.89 -1.10 -1.09
C SER A 168 5.79 -1.99 -0.52
N ALA A 169 4.97 -2.55 -1.40
CA ALA A 169 3.94 -3.53 -1.03
C ALA A 169 4.27 -4.80 -1.82
N SER A 170 4.91 -5.75 -1.14
CA SER A 170 5.42 -6.96 -1.77
C SER A 170 4.68 -8.23 -1.41
N GLY A 171 3.89 -8.24 -0.34
CA GLY A 171 3.10 -9.39 -0.03
C GLY A 171 1.82 -9.46 -0.84
N THR A 172 1.25 -10.66 -0.90
CA THR A 172 -0.09 -10.79 -1.45
C THR A 172 -1.06 -9.95 -0.65
N SER A 173 -1.89 -9.19 -1.35
CA SER A 173 -2.93 -8.38 -0.73
C SER A 173 -2.35 -7.45 0.32
N SER A 174 -1.18 -6.91 0.02
CA SER A 174 -0.50 -5.99 0.93
C SER A 174 -0.78 -4.55 0.52
N THR A 175 -0.76 -3.66 1.51
CA THR A 175 -1.06 -2.24 1.31
C THR A 175 -0.07 -1.44 2.14
N ALA A 176 0.67 -0.54 1.49
CA ALA A 176 1.61 0.34 2.17
C ALA A 176 1.34 1.79 1.79
N GLY A 177 1.28 2.65 2.79
CA GLY A 177 1.14 4.07 2.62
C GLY A 177 2.16 4.82 3.46
N GLY A 178 2.81 5.81 2.85
CA GLY A 178 3.85 6.58 3.51
C GLY A 178 5.20 6.41 2.85
N ALA A 179 6.03 7.44 2.89
CA ALA A 179 7.37 7.33 2.34
C ALA A 179 8.12 6.23 3.07
N ASN A 180 8.78 5.36 2.30
CA ASN A 180 9.62 4.28 2.81
C ASN A 180 8.83 3.24 3.58
N ALA A 181 7.49 3.22 3.45
CA ALA A 181 6.68 2.22 4.12
C ALA A 181 6.84 0.87 3.46
N ILE A 182 6.78 -0.18 4.27
CA ILE A 182 6.99 -1.56 3.80
C ILE A 182 5.86 -2.45 4.30
N ALA A 183 5.11 -3.04 3.38
CA ALA A 183 4.13 -4.09 3.67
C ALA A 183 4.62 -5.34 2.94
N SER A 184 5.41 -6.16 3.66
CA SER A 184 6.05 -7.32 3.06
C SER A 184 5.44 -8.65 3.46
N GLY A 185 4.67 -8.70 4.55
CA GLY A 185 3.98 -9.92 4.90
C GLY A 185 2.81 -10.21 3.97
N GLU A 186 2.42 -11.48 3.90
CA GLU A 186 1.15 -11.81 3.27
C GLU A 186 0.03 -11.13 4.04
N ASN A 187 -0.90 -10.52 3.31
CA ASN A 187 -2.07 -9.85 3.90
C ASN A 187 -1.67 -8.81 4.94
N SER A 188 -0.58 -8.09 4.68
CA SER A 188 -0.06 -7.06 5.57
C SER A 188 -0.53 -5.68 5.14
N THR A 189 -0.64 -4.78 6.10
CA THR A 189 -1.15 -3.42 5.89
C THR A 189 -0.34 -2.48 6.75
N THR A 190 0.22 -1.44 6.12
CA THR A 190 0.96 -0.46 6.91
C THR A 190 0.64 0.94 6.38
N ASN A 191 0.58 1.91 7.30
CA ASN A 191 0.36 3.29 6.93
C ASN A 191 1.10 4.18 7.91
N GLY A 192 2.01 4.99 7.38
CA GLY A 192 2.93 5.80 8.13
C GLY A 192 4.31 5.78 7.50
N ALA A 193 4.96 6.92 7.40
CA ALA A 193 6.29 6.92 6.82
C ALA A 193 7.19 6.03 7.65
N ASN A 194 8.02 5.23 6.97
CA ASN A 194 9.02 4.38 7.61
C ASN A 194 8.40 3.29 8.48
N SER A 195 7.13 2.99 8.29
CA SER A 195 6.46 1.93 9.00
C SER A 195 6.68 0.59 8.28
N THR A 196 6.55 -0.50 9.04
CA THR A 196 6.75 -1.84 8.53
C THR A 196 5.70 -2.80 9.08
N ALA A 197 5.05 -3.53 8.19
CA ALA A 197 4.18 -4.66 8.51
C ALA A 197 4.78 -5.85 7.77
N SER A 198 5.63 -6.62 8.48
CA SER A 198 6.36 -7.71 7.86
C SER A 198 5.86 -9.09 8.27
N GLY A 199 5.12 -9.21 9.35
CA GLY A 199 4.48 -10.47 9.68
C GLY A 199 3.35 -10.79 8.72
N ASN A 200 3.04 -12.08 8.60
CA ASN A 200 1.82 -12.46 7.89
C ASN A 200 0.62 -12.01 8.69
N GLY A 201 -0.31 -11.34 8.02
CA GLY A 201 -1.47 -10.82 8.74
C GLY A 201 -1.16 -9.68 9.70
N SER A 202 -0.05 -8.98 9.51
CA SER A 202 0.34 -7.89 10.37
C SER A 202 -0.25 -6.58 9.86
N SER A 203 -0.44 -5.64 10.79
CA SER A 203 -0.99 -4.33 10.49
C SER A 203 -0.30 -3.30 11.35
N ALA A 204 0.18 -2.22 10.73
CA ALA A 204 0.88 -1.17 11.43
C ALA A 204 0.39 0.19 11.00
N PHE A 205 0.20 1.08 11.97
CA PHE A 205 -0.26 2.44 11.71
CA PHE A 205 -0.27 2.43 11.72
C PHE A 205 0.55 3.39 12.57
N GLY A 206 1.13 4.40 11.95
CA GLY A 206 1.95 5.39 12.63
C GLY A 206 3.34 5.46 12.04
N GLU A 207 3.96 6.64 12.12
CA GLU A 207 5.31 6.79 11.60
C GLU A 207 6.26 5.87 12.37
N SER A 208 7.03 5.07 11.63
CA SER A 208 7.99 4.13 12.19
C SER A 208 7.34 3.03 13.05
N ALA A 209 6.03 2.84 12.98
CA ALA A 209 5.41 1.69 13.63
C ALA A 209 5.91 0.40 12.98
N ALA A 210 6.02 -0.67 13.79
CA ALA A 210 6.54 -1.95 13.30
C ALA A 210 5.72 -3.10 13.85
N ALA A 211 5.12 -3.88 12.95
CA ALA A 211 4.36 -5.08 13.27
C ALA A 211 5.07 -6.25 12.58
N ALA A 212 6.10 -6.78 13.26
CA ALA A 212 6.89 -7.86 12.72
C ALA A 212 6.36 -9.23 13.08
N GLY A 213 5.57 -9.34 14.15
CA GLY A 213 4.98 -10.62 14.50
C GLY A 213 3.91 -11.04 13.50
N ASP A 214 3.83 -12.35 13.27
CA ASP A 214 2.68 -12.88 12.55
C ASP A 214 1.41 -12.55 13.33
N GLY A 215 0.39 -12.08 12.63
CA GLY A 215 -0.88 -11.74 13.25
C GLY A 215 -0.79 -10.61 14.25
N SER A 216 0.19 -9.73 14.10
CA SER A 216 0.43 -8.64 15.04
C SER A 216 -0.19 -7.34 14.55
N THR A 217 -0.40 -6.42 15.48
CA THR A 217 -1.04 -5.13 15.20
C THR A 217 -0.34 -4.07 16.05
N ALA A 218 0.25 -3.08 15.38
CA ALA A 218 1.01 -2.02 16.04
C ALA A 218 0.44 -0.68 15.60
N LEU A 219 -0.11 0.09 16.54
CA LEU A 219 -0.85 1.31 16.23
C LEU A 219 -0.32 2.44 17.08
N GLY A 220 0.33 3.41 16.44
CA GLY A 220 0.95 4.56 17.10
C GLY A 220 2.37 4.73 16.63
N ALA A 221 2.85 5.97 16.69
CA ALA A 221 4.21 6.26 16.27
C ALA A 221 5.20 5.41 17.06
N ASN A 222 6.08 4.73 16.34
CA ASN A 222 7.13 3.88 16.92
C ASN A 222 6.59 2.74 17.76
N ALA A 223 5.32 2.38 17.60
CA ALA A 223 4.80 1.21 18.28
C ALA A 223 5.46 -0.04 17.73
N VAL A 224 5.62 -1.04 18.60
CA VAL A 224 6.27 -2.31 18.27
C VAL A 224 5.38 -3.46 18.70
N ALA A 225 4.92 -4.25 17.74
CA ALA A 225 4.18 -5.50 17.99
C ALA A 225 5.00 -6.63 17.38
N SER A 226 6.00 -7.09 18.12
CA SER A 226 6.98 -8.02 17.59
C SER A 226 6.69 -9.46 17.96
N GLY A 227 5.83 -9.71 18.94
CA GLY A 227 5.48 -11.07 19.28
C GLY A 227 4.41 -11.63 18.36
N VAL A 228 4.38 -12.97 18.24
CA VAL A 228 3.28 -13.62 17.52
CA VAL A 228 3.28 -13.62 17.53
C VAL A 228 1.98 -13.21 18.18
N GLY A 229 1.02 -12.77 17.38
CA GLY A 229 -0.27 -12.36 17.92
C GLY A 229 -0.25 -11.21 18.90
N SER A 230 0.78 -10.37 18.85
CA SER A 230 0.88 -9.23 19.75
C SER A 230 0.09 -8.03 19.23
N VAL A 231 -0.37 -7.21 20.16
CA VAL A 231 -1.13 -5.99 19.89
C VAL A 231 -0.54 -4.88 20.74
N ALA A 232 -0.13 -3.79 20.09
CA ALA A 232 0.46 -2.64 20.77
C ALA A 232 -0.20 -1.38 20.23
N THR A 233 -0.85 -0.63 21.10
CA THR A 233 -1.46 0.65 20.71
C THR A 233 -0.93 1.75 21.61
N GLY A 234 -0.46 2.83 20.99
CA GLY A 234 0.15 3.93 21.69
C GLY A 234 1.54 4.24 21.18
N ALA A 235 1.93 5.50 21.13
CA ALA A 235 3.27 5.84 20.71
C ALA A 235 4.26 5.18 21.65
N GLY A 236 5.27 4.52 21.08
CA GLY A 236 6.29 3.88 21.90
C GLY A 236 5.84 2.69 22.70
N SER A 237 4.66 2.14 22.40
CA SER A 237 4.21 0.93 23.05
C SER A 237 4.96 -0.28 22.51
N VAL A 238 5.14 -1.29 23.35
CA VAL A 238 5.81 -2.53 23.00
C VAL A 238 4.99 -3.71 23.47
N ALA A 239 4.67 -4.62 22.56
CA ALA A 239 4.07 -5.92 22.87
C ALA A 239 5.01 -6.93 22.22
N SER A 240 5.97 -7.42 23.00
CA SER A 240 7.00 -8.32 22.49
C SER A 240 6.80 -9.76 22.93
N GLY A 241 5.99 -10.01 23.94
CA GLY A 241 5.66 -11.37 24.30
C GLY A 241 4.74 -12.01 23.27
N ALA A 242 4.85 -13.33 23.19
CA ALA A 242 3.88 -14.09 22.40
C ALA A 242 2.49 -13.83 22.97
N ASN A 243 1.55 -13.49 22.09
CA ASN A 243 0.15 -13.29 22.48
CA ASN A 243 0.15 -13.31 22.50
C ASN A 243 0.00 -12.23 23.57
N SER A 244 0.82 -11.19 23.48
CA SER A 244 0.81 -10.07 24.41
C SER A 244 0.00 -8.90 23.89
N SER A 245 -0.43 -8.05 24.81
CA SER A 245 -1.29 -6.91 24.50
C SER A 245 -0.87 -5.71 25.35
N ALA A 246 -0.60 -4.59 24.68
CA ALA A 246 -0.20 -3.36 25.35
C ALA A 246 -1.06 -2.23 24.82
N TYR A 247 -1.62 -1.45 25.74
CA TYR A 247 -2.45 -0.30 25.40
C TYR A 247 -1.99 0.88 26.24
N GLY A 248 -1.56 1.95 25.57
CA GLY A 248 -1.14 3.16 26.23
C GLY A 248 0.27 3.55 25.78
N THR A 249 0.52 4.85 25.75
CA THR A 249 1.83 5.33 25.36
C THR A 249 2.90 4.74 26.27
N GLY A 250 3.95 4.21 25.65
CA GLY A 250 5.03 3.64 26.42
C GLY A 250 4.68 2.42 27.25
N SER A 251 3.54 1.77 27.01
CA SER A 251 3.22 0.53 27.71
C SER A 251 4.11 -0.58 27.18
N ASN A 252 4.34 -1.60 28.01
CA ASN A 252 5.33 -2.64 27.73
CA ASN A 252 5.34 -2.64 27.72
C ASN A 252 4.79 -3.97 28.20
N ALA A 253 4.44 -4.85 27.28
CA ALA A 253 3.90 -6.19 27.56
C ALA A 253 4.94 -7.16 27.03
N THR A 254 5.82 -7.62 27.91
CA THR A 254 6.96 -8.43 27.48
C THR A 254 6.83 -9.90 27.84
N GLY A 255 5.97 -10.26 28.78
CA GLY A 255 5.75 -11.65 29.11
C GLY A 255 4.87 -12.34 28.10
N ALA A 256 5.02 -13.66 28.00
CA ALA A 256 4.09 -14.43 27.19
C ALA A 256 2.69 -14.26 27.76
N GLY A 257 1.74 -13.90 26.91
CA GLY A 257 0.37 -13.69 27.33
C GLY A 257 0.16 -12.49 28.22
N SER A 258 1.14 -11.63 28.34
CA SER A 258 0.99 -10.49 29.22
C SER A 258 0.10 -9.40 28.61
N VAL A 259 -0.45 -8.59 29.50
CA VAL A 259 -1.36 -7.50 29.18
C VAL A 259 -0.95 -6.29 30.01
N ALA A 260 -0.73 -5.16 29.34
CA ALA A 260 -0.37 -3.91 30.02
C ALA A 260 -1.30 -2.82 29.53
N ILE A 261 -2.11 -2.26 30.42
CA ILE A 261 -3.12 -1.27 30.07
C ILE A 261 -2.89 0.01 30.86
N GLY A 262 -2.44 1.06 30.17
CA GLY A 262 -2.20 2.38 30.76
C GLY A 262 -0.84 2.89 30.33
N GLN A 263 -0.67 4.20 30.32
CA GLN A 263 0.60 4.78 29.92
C GLN A 263 1.66 4.26 30.88
N GLY A 264 2.76 3.77 30.32
CA GLY A 264 3.86 3.29 31.11
C GLY A 264 3.61 2.04 31.92
N ALA A 265 2.47 1.36 31.72
CA ALA A 265 2.23 0.09 32.39
C ALA A 265 3.20 -0.95 31.83
N THR A 266 3.68 -1.83 32.71
CA THR A 266 4.63 -2.86 32.34
C THR A 266 4.19 -4.19 32.89
N ALA A 267 4.13 -5.20 32.03
CA ALA A 267 3.74 -6.56 32.42
C ALA A 267 4.76 -7.53 31.86
N SER A 268 5.59 -8.08 32.74
CA SER A 268 6.59 -9.06 32.33
C SER A 268 6.24 -10.48 32.76
N GLY A 269 5.28 -10.65 33.67
CA GLY A 269 4.91 -11.98 34.09
C GLY A 269 4.11 -12.71 33.02
N SER A 270 4.26 -14.03 32.98
CA SER A 270 3.49 -14.88 32.08
C SER A 270 2.00 -14.81 32.44
N ASN A 271 1.17 -14.47 31.46
CA ASN A 271 -0.28 -14.36 31.64
C ASN A 271 -0.66 -13.34 32.69
N SER A 272 0.20 -12.34 32.90
CA SER A 272 -0.05 -11.31 33.89
CA SER A 272 -0.06 -11.33 33.90
C SER A 272 -0.72 -10.12 33.25
N VAL A 273 -1.29 -9.27 34.09
CA VAL A 273 -1.98 -8.06 33.69
C VAL A 273 -1.50 -6.93 34.57
N ALA A 274 -1.06 -5.82 33.95
CA ALA A 274 -0.77 -4.57 34.65
C ALA A 274 -1.83 -3.58 34.23
N LEU A 275 -2.66 -3.18 35.19
CA LEU A 275 -3.82 -2.33 34.93
C LEU A 275 -3.62 -0.99 35.62
N GLY A 276 -3.56 0.07 34.82
CA GLY A 276 -3.39 1.42 35.31
C GLY A 276 -2.08 2.03 34.87
N THR A 277 -2.08 3.34 34.75
CA THR A 277 -0.85 4.08 34.45
CA THR A 277 -0.85 4.07 34.45
C THR A 277 0.22 3.71 35.47
N GLY A 278 1.41 3.37 34.96
CA GLY A 278 2.55 3.04 35.77
C GLY A 278 2.47 1.73 36.51
N SER A 279 1.41 0.93 36.33
CA SER A 279 1.31 -0.34 37.01
C SER A 279 2.37 -1.33 36.51
N VAL A 280 2.77 -2.23 37.40
CA VAL A 280 3.83 -3.20 37.14
C VAL A 280 3.29 -4.56 37.53
N ALA A 281 3.38 -5.53 36.62
CA ALA A 281 2.96 -6.90 36.92
C ALA A 281 4.12 -7.84 36.56
N SER A 282 4.96 -8.15 37.55
CA SER A 282 6.10 -9.04 37.32
CA SER A 282 6.09 -9.04 37.32
C SER A 282 5.82 -10.47 37.77
N GLU A 283 4.84 -10.70 38.63
CA GLU A 283 4.54 -12.04 39.08
C GLU A 283 3.69 -12.76 38.04
N ASP A 284 4.04 -14.00 37.72
CA ASP A 284 3.26 -14.79 36.79
C ASP A 284 1.82 -14.95 37.25
N ASN A 285 0.89 -14.84 36.29
CA ASN A 285 -0.52 -15.19 36.46
C ASN A 285 -1.20 -14.32 37.50
N THR A 286 -0.86 -13.04 37.53
CA THR A 286 -1.48 -12.08 38.44
C THR A 286 -2.08 -10.89 37.68
N VAL A 287 -3.01 -10.20 38.33
CA VAL A 287 -3.52 -8.89 37.91
C VAL A 287 -3.01 -7.87 38.91
N SER A 288 -2.15 -6.96 38.47
CA SER A 288 -1.68 -5.88 39.33
C SER A 288 -2.43 -4.58 39.03
N VAL A 289 -2.91 -3.92 40.08
CA VAL A 289 -3.54 -2.62 39.95
C VAL A 289 -2.61 -1.48 40.36
N GLY A 290 -1.32 -1.75 40.47
CA GLY A 290 -0.36 -0.71 40.77
C GLY A 290 1.04 -1.27 40.85
N SER A 291 1.74 -0.92 41.93
CA SER A 291 3.10 -1.39 42.18
C SER A 291 3.35 -1.16 43.66
N ALA A 292 4.43 -1.74 44.18
CA ALA A 292 4.68 -1.65 45.60
C ALA A 292 5.04 -0.20 45.93
N GLY A 293 4.32 0.36 46.90
CA GLY A 293 4.45 1.76 47.23
C GLY A 293 3.41 2.63 46.56
N SER A 294 2.78 2.13 45.50
CA SER A 294 1.82 2.87 44.67
C SER A 294 0.62 1.97 44.45
N GLU A 295 0.09 1.42 45.53
CA GLU A 295 -1.10 0.58 45.48
C GLU A 295 -2.36 1.44 45.26
N ARG A 296 -3.39 0.83 44.66
CA ARG A 296 -4.65 1.49 44.39
C ARG A 296 -5.77 0.71 45.08
N ARG A 297 -6.74 1.43 45.64
CA ARG A 297 -7.97 0.80 46.08
C ARG A 297 -8.77 0.40 44.85
N ILE A 298 -9.54 -0.67 44.98
CA ILE A 298 -10.50 -1.08 43.95
C ILE A 298 -11.89 -0.78 44.49
N THR A 299 -12.70 -0.09 43.70
CA THR A 299 -13.92 0.50 44.17
C THR A 299 -15.12 0.03 43.35
N ASN A 300 -16.30 0.24 43.91
CA ASN A 300 -17.58 -0.21 43.32
C ASN A 300 -17.61 -1.72 43.11
N VAL A 301 -17.07 -2.44 44.09
CA VAL A 301 -17.06 -3.89 44.12
C VAL A 301 -18.31 -4.37 44.84
N ALA A 302 -19.13 -5.15 44.16
CA ALA A 302 -20.30 -5.74 44.81
C ALA A 302 -19.87 -6.90 45.71
N ALA A 303 -20.69 -7.18 46.71
CA ALA A 303 -20.38 -8.24 47.64
C ALA A 303 -20.16 -9.57 46.91
N GLY A 304 -19.07 -10.24 47.22
CA GLY A 304 -18.81 -11.55 46.66
C GLY A 304 -19.78 -12.60 47.17
N VAL A 305 -20.06 -13.57 46.31
CA VAL A 305 -21.01 -14.65 46.59
C VAL A 305 -20.34 -16.01 46.54
N ASN A 306 -19.67 -16.31 45.43
CA ASN A 306 -18.98 -17.58 45.25
C ASN A 306 -17.55 -17.50 45.78
N ALA A 307 -16.97 -18.68 46.01
CA ALA A 307 -15.74 -18.79 46.80
C ALA A 307 -14.61 -17.97 46.20
N THR A 308 -14.53 -17.87 44.88
CA THR A 308 -13.47 -17.12 44.23
C THR A 308 -13.90 -15.73 43.79
N ASP A 309 -14.97 -15.19 44.35
CA ASP A 309 -15.29 -13.78 44.17
C ASP A 309 -14.49 -12.92 45.16
N ALA A 310 -14.26 -11.66 44.80
CA ALA A 310 -13.62 -10.74 45.73
C ALA A 310 -14.59 -10.37 46.86
N VAL A 311 -14.02 -9.98 48.01
CA VAL A 311 -14.75 -9.53 49.19
C VAL A 311 -14.64 -8.01 49.28
N ASN A 312 -15.74 -7.35 49.66
CA ASN A 312 -15.67 -5.91 49.90
CA ASN A 312 -15.67 -5.91 49.90
C ASN A 312 -15.66 -5.58 51.39
N VAL A 313 -15.35 -4.32 51.68
CA VAL A 313 -15.18 -3.87 53.06
C VAL A 313 -16.43 -4.13 53.88
N GLY A 314 -17.60 -3.90 53.31
CA GLY A 314 -18.83 -4.10 54.06
C GLY A 314 -19.00 -5.53 54.55
N GLN A 315 -18.54 -6.51 53.77
CA GLN A 315 -18.59 -7.88 54.23
C GLN A 315 -17.64 -8.13 55.38
N MET A 316 -16.47 -7.47 55.35
CA MET A 316 -15.51 -7.59 56.44
CA MET A 316 -15.52 -7.58 56.44
C MET A 316 -16.00 -6.85 57.69
N LYS A 317 -16.64 -5.69 57.51
CA LYS A 317 -17.13 -4.94 58.65
C LYS A 317 -18.19 -5.71 59.42
N GLN A 318 -18.97 -6.56 58.73
CA GLN A 318 -19.94 -7.39 59.45
C GLN A 318 -19.24 -8.43 60.31
N ILE A 319 -18.09 -8.94 59.88
CA ILE A 319 -17.33 -9.85 60.73
CA ILE A 319 -17.33 -9.85 60.73
C ILE A 319 -16.73 -9.09 61.90
N GLU A 320 -16.25 -7.88 61.66
CA GLU A 320 -15.68 -7.07 62.73
C GLU A 320 -16.72 -6.74 63.79
N ASP A 321 -17.93 -6.37 63.37
CA ASP A 321 -18.99 -6.08 64.34
C ASP A 321 -19.32 -7.32 65.16
N LYS A 322 -19.39 -8.48 64.51
CA LYS A 322 -19.61 -9.73 65.24
C LYS A 322 -18.53 -9.95 66.29
N ILE A 323 -17.27 -9.74 65.93
CA ILE A 323 -16.19 -9.92 66.89
C ILE A 323 -16.29 -8.90 68.02
N GLU A 324 -16.74 -7.68 67.73
CA GLU A 324 -16.97 -6.71 68.80
C GLU A 324 -17.96 -7.27 69.83
N GLU A 325 -19.08 -7.82 69.36
CA GLU A 325 -20.09 -8.34 70.27
C GLU A 325 -19.61 -9.59 71.00
N ILE A 326 -18.83 -10.44 70.32
CA ILE A 326 -18.12 -11.52 71.00
C ILE A 326 -17.08 -10.98 71.97
N LEU A 327 -16.77 -9.69 71.91
CA LEU A 327 -15.92 -9.07 72.92
C LEU A 327 -16.74 -8.67 74.15
N SER A 328 -18.02 -8.32 73.95
CA SER A 328 -18.90 -8.05 75.09
C SER A 328 -19.29 -9.35 75.79
N LYS A 329 -19.69 -10.36 75.02
CA LYS A 329 -19.97 -11.68 75.58
C LYS A 329 -18.74 -12.35 76.19
N ILE A 330 -17.58 -11.71 76.12
CA ILE A 330 -16.39 -12.17 76.81
C ILE A 330 -15.66 -10.97 77.42
C1 GOL B . 11.18 1.55 13.27
O1 GOL B . 12.38 2.11 13.71
C2 GOL B . 11.39 1.07 11.80
O2 GOL B . 11.57 2.10 10.94
C3 GOL B . 10.12 0.23 11.57
O3 GOL B . 9.75 0.42 10.24
H11 GOL B . 10.44 2.19 13.29
H12 GOL B . 10.90 0.81 13.82
HO1 GOL B . 12.27 2.33 14.53
H2 GOL B . 12.19 0.53 11.68
HO2 GOL B . 10.86 2.22 10.51
H31 GOL B . 9.44 0.51 12.20
H32 GOL B . 10.30 -0.69 11.79
C1 GOL C . -25.21 -10.88 46.83
O1 GOL C . -25.28 -11.04 48.17
C2 GOL C . -24.12 -9.93 46.79
O2 GOL C . -23.08 -10.28 47.59
C3 GOL C . -23.77 -9.98 45.40
O3 GOL C . -23.20 -8.76 45.25
H11 GOL C . -25.00 -11.69 46.35
H12 GOL C . -26.02 -10.53 46.43
H2 GOL C . -24.38 -9.04 47.09
H31 GOL C . -24.55 -10.14 44.85
H32 GOL C . -23.18 -10.73 45.22
NA NA D . 10.25 -3.74 26.23
#